data_1ONH
#
_entry.id   1ONH
#
_cell.length_a   76.288
_cell.length_b   68.873
_cell.length_c   62.014
_cell.angle_alpha   90.00
_cell.angle_beta   90.00
_cell.angle_gamma   90.00
#
_symmetry.space_group_name_H-M   'P 21 21 2'
#
loop_
_entity.id
_entity.type
_entity.pdbx_description
1 polymer 'class C beta-lactamase'
2 non-polymer '7-(5,6-DIHYDRO-8H-IMIDAZO[2,1-C][1,4]OXAZIN-2-YL)-6-FORMYL-2,7-DIHYDRO- [1,4]THIAZEPINE-3-CARBOXYLIC ACID'
3 non-polymer GLYCEROL
4 water water
#
_entity_poly.entity_id   1
_entity_poly.type   'polypeptide(L)'
_entity_poly.pdbx_seq_one_letter_code
;TPVSEKQLAEVVANTVTPLMKAQSVPGMAVAVIYQGKPHYYTFGKADIAANKPVTPQTLFELGSISKTFTGVLGGDAIAR
GEISLDDPVTRYWPQLTGKQWQGIRMLDLATYTAGGLPLQVPDEVTDNASLLRFYQNWQPQWKPGTTRLYANASIGLFGA
LAVKPSGMPYEQAMTTRVLKPLKLDHTWINVPKAEEAHYAWGYRDGKAVRAVRVSPGMLDAQAYGVKTNVQDMANWVMAN
MAPENVADASLKQGIALAQSRYWRIGSMYQGLGWEMLNWPVEANTVVEGSDSKVALAPLPVAEVNPPAPPVKASWVHKTG
STGGFGSYVAFIPEKQIGIVMLANTSYPNPARVEAAYHILEALQ
;
_entity_poly.pdbx_strand_id   A
#
loop_
_chem_comp.id
_chem_comp.type
_chem_comp.name
_chem_comp.formula
GOL non-polymer GLYCEROL 'C3 H8 O3'
WY4 non-polymer '7-(5,6-DIHYDRO-8H-IMIDAZO[2,1-C][1,4]OXAZIN-2-YL)-6-FORMYL-2,7-DIHYDRO- [1,4]THIAZEPINE-3-CARBOXYLIC ACID' 'C13 H13 N3 O4 S'
#
# COMPACT_ATOMS: atom_id res chain seq x y z
N PRO A 2 -23.73 -8.38 -19.96
CA PRO A 2 -22.88 -7.98 -18.83
C PRO A 2 -23.67 -7.89 -17.52
N VAL A 3 -22.91 -7.84 -16.43
CA VAL A 3 -23.59 -7.79 -15.13
C VAL A 3 -24.21 -6.44 -14.88
N SER A 4 -25.46 -6.38 -14.41
CA SER A 4 -26.14 -5.14 -14.08
C SER A 4 -25.69 -4.61 -12.71
N GLU A 5 -26.00 -3.33 -12.47
CA GLU A 5 -25.72 -2.75 -11.14
C GLU A 5 -26.51 -3.50 -10.09
N LYS A 6 -27.73 -3.91 -10.44
CA LYS A 6 -28.52 -4.69 -9.49
C LYS A 6 -27.82 -5.98 -9.08
N GLN A 7 -27.29 -6.68 -10.06
CA GLN A 7 -26.64 -7.96 -9.85
C GLN A 7 -25.35 -7.73 -9.04
N LEU A 8 -24.62 -6.69 -9.37
CA LEU A 8 -23.38 -6.42 -8.68
C LEU A 8 -23.66 -6.14 -7.20
N ALA A 9 -24.72 -5.37 -6.91
CA ALA A 9 -25.07 -5.10 -5.51
C ALA A 9 -25.39 -6.38 -4.77
N GLU A 10 -26.05 -7.32 -5.41
CA GLU A 10 -26.33 -8.59 -4.76
C GLU A 10 -25.06 -9.39 -4.48
N VAL A 11 -24.19 -9.46 -5.49
CA VAL A 11 -22.91 -10.16 -5.30
C VAL A 11 -22.12 -9.62 -4.14
N VAL A 12 -22.04 -8.29 -4.08
CA VAL A 12 -21.26 -7.69 -2.98
C VAL A 12 -21.94 -8.02 -1.67
N ALA A 13 -23.26 -7.81 -1.53
CA ALA A 13 -23.87 -8.08 -0.24
C ALA A 13 -23.76 -9.55 0.13
N ASN A 14 -23.98 -10.40 -0.85
CA ASN A 14 -23.96 -11.84 -0.54
C ASN A 14 -22.57 -12.37 -0.20
N THR A 15 -21.55 -11.62 -0.55
CA THR A 15 -20.18 -11.95 -0.23
C THR A 15 -19.75 -11.33 1.11
N VAL A 16 -20.03 -10.05 1.25
CA VAL A 16 -19.55 -9.30 2.42
C VAL A 16 -20.31 -9.67 3.68
N THR A 17 -21.63 -9.87 3.59
CA THR A 17 -22.36 -10.15 4.84
C THR A 17 -21.88 -11.43 5.48
N PRO A 18 -21.77 -12.57 4.81
CA PRO A 18 -21.21 -13.74 5.49
C PRO A 18 -19.77 -13.55 5.95
N LEU A 19 -18.96 -12.80 5.20
CA LEU A 19 -17.59 -12.56 5.60
C LEU A 19 -17.55 -11.81 6.93
N MET A 20 -18.36 -10.76 7.07
CA MET A 20 -18.33 -9.98 8.31
C MET A 20 -18.79 -10.79 9.53
N LYS A 21 -19.74 -11.68 9.33
CA LYS A 21 -20.23 -12.57 10.38
C LYS A 21 -19.11 -13.51 10.78
N ALA A 22 -18.50 -14.14 9.76
CA ALA A 22 -17.50 -15.16 10.06
C ALA A 22 -16.24 -14.62 10.74
N GLN A 23 -15.88 -13.41 10.38
CA GLN A 23 -14.62 -12.82 10.80
C GLN A 23 -14.83 -11.79 11.90
N SER A 24 -16.07 -11.69 12.38
CA SER A 24 -16.47 -10.75 13.42
C SER A 24 -16.05 -9.31 13.10
N VAL A 25 -16.36 -8.83 11.90
CA VAL A 25 -16.01 -7.49 11.44
C VAL A 25 -17.07 -6.46 11.78
N PRO A 26 -16.80 -5.45 12.58
CA PRO A 26 -17.89 -4.54 12.91
C PRO A 26 -18.42 -3.74 11.73
N GLY A 27 -17.52 -3.25 10.87
CA GLY A 27 -17.90 -2.35 9.80
C GLY A 27 -17.00 -2.48 8.59
N MET A 28 -17.57 -2.30 7.40
CA MET A 28 -16.80 -2.36 6.15
C MET A 28 -17.35 -1.36 5.15
N ALA A 29 -16.45 -0.75 4.44
CA ALA A 29 -16.79 0.09 3.27
C ALA A 29 -16.16 -0.58 2.05
N VAL A 30 -16.97 -0.81 1.01
CA VAL A 30 -16.50 -1.38 -0.24
C VAL A 30 -16.80 -0.48 -1.42
N ALA A 31 -15.82 -0.40 -2.29
CA ALA A 31 -16.09 0.20 -3.60
C ALA A 31 -15.71 -0.82 -4.68
N VAL A 32 -16.59 -0.93 -5.66
CA VAL A 32 -16.20 -1.68 -6.87
C VAL A 32 -16.11 -0.70 -8.03
N ILE A 33 -15.07 -0.79 -8.80
CA ILE A 33 -14.90 0.02 -10.00
C ILE A 33 -15.35 -0.83 -11.16
N TYR A 34 -16.37 -0.33 -11.88
CA TYR A 34 -16.95 -1.10 -12.97
C TYR A 34 -17.60 -0.14 -13.95
N GLN A 35 -17.40 -0.32 -15.22
CA GLN A 35 -18.00 0.53 -16.25
C GLN A 35 -17.72 2.00 -16.01
N GLY A 36 -16.47 2.28 -15.61
CA GLY A 36 -15.96 3.62 -15.58
C GLY A 36 -16.31 4.40 -14.34
N LYS A 37 -16.92 3.79 -13.34
CA LYS A 37 -17.26 4.57 -12.16
C LYS A 37 -17.19 3.70 -10.91
N PRO A 38 -17.05 4.33 -9.77
CA PRO A 38 -17.15 3.59 -8.51
C PRO A 38 -18.60 3.36 -8.09
N HIS A 39 -18.79 2.21 -7.44
CA HIS A 39 -20.04 1.79 -6.82
C HIS A 39 -19.77 1.50 -5.36
N TYR A 40 -20.51 2.10 -4.47
CA TYR A 40 -20.19 2.09 -3.05
C TYR A 40 -21.21 1.30 -2.24
N TYR A 41 -20.70 0.52 -1.30
CA TYR A 41 -21.49 -0.32 -0.43
C TYR A 41 -20.98 -0.21 1.00
N THR A 42 -21.83 0.12 1.94
CA THR A 42 -21.38 0.27 3.33
C THR A 42 -22.17 -0.68 4.24
N PHE A 43 -21.43 -1.18 5.25
CA PHE A 43 -21.96 -2.16 6.16
C PHE A 43 -21.55 -1.93 7.61
N GLY A 44 -22.50 -2.10 8.55
CA GLY A 44 -22.10 -2.09 9.92
C GLY A 44 -21.72 -0.73 10.50
N LYS A 45 -20.88 -0.87 11.54
CA LYS A 45 -20.56 0.20 12.46
C LYS A 45 -19.12 0.66 12.38
N ALA A 46 -18.97 1.98 12.32
CA ALA A 46 -17.65 2.59 12.47
C ALA A 46 -17.22 2.73 13.93
N ASP A 47 -18.20 2.84 14.82
CA ASP A 47 -17.97 3.02 16.25
C ASP A 47 -19.11 2.29 16.93
N ILE A 48 -18.79 1.12 17.51
CA ILE A 48 -19.83 0.33 18.18
C ILE A 48 -20.43 1.04 19.39
N ALA A 49 -19.60 1.53 20.30
CA ALA A 49 -20.18 2.16 21.50
C ALA A 49 -21.08 3.32 21.11
N ALA A 50 -20.68 4.12 20.14
CA ALA A 50 -21.47 5.31 19.83
C ALA A 50 -22.55 5.04 18.79
N ASN A 51 -22.64 3.79 18.34
CA ASN A 51 -23.58 3.37 17.33
C ASN A 51 -23.56 4.22 16.07
N LYS A 52 -22.33 4.49 15.58
CA LYS A 52 -22.13 5.27 14.35
C LYS A 52 -21.98 4.30 13.19
N PRO A 53 -22.80 4.45 12.14
CA PRO A 53 -22.64 3.55 10.99
C PRO A 53 -21.46 3.92 10.12
N VAL A 54 -20.98 2.90 9.41
CA VAL A 54 -20.05 3.18 8.33
C VAL A 54 -20.75 3.93 7.21
N THR A 55 -20.10 4.99 6.71
CA THR A 55 -20.60 5.74 5.58
C THR A 55 -19.50 5.87 4.52
N PRO A 56 -19.81 6.37 3.33
CA PRO A 56 -18.71 6.65 2.39
C PRO A 56 -17.75 7.74 2.87
N GLN A 57 -17.98 8.45 3.96
CA GLN A 57 -17.02 9.39 4.51
C GLN A 57 -16.21 8.82 5.68
N THR A 58 -16.52 7.62 6.15
CA THR A 58 -15.75 7.07 7.28
C THR A 58 -14.30 6.87 6.93
N LEU A 59 -13.40 7.34 7.77
CA LEU A 59 -11.97 7.12 7.60
C LEU A 59 -11.53 5.79 8.23
N PHE A 60 -10.75 5.03 7.45
CA PHE A 60 -10.13 3.78 7.87
C PHE A 60 -8.62 3.92 7.76
N GLU A 61 -7.94 3.16 8.63
CA GLU A 61 -6.47 3.02 8.54
C GLU A 61 -6.11 2.05 7.43
N LEU A 62 -5.28 2.46 6.48
CA LEU A 62 -4.91 1.63 5.35
C LEU A 62 -3.80 0.65 5.69
N GLY A 63 -3.07 0.89 6.79
CA GLY A 63 -1.91 0.07 7.04
C GLY A 63 -0.95 0.03 5.86
N SER A 64 -0.44 -1.16 5.51
CA SER A 64 0.54 -1.26 4.47
C SER A 64 0.10 -0.90 3.06
N ILE A 65 -1.18 -0.66 2.81
CA ILE A 65 -1.55 -0.12 1.51
C ILE A 65 -0.99 1.29 1.37
N SER A 66 -0.59 1.94 2.47
CA SER A 66 0.18 3.16 2.41
C SER A 66 1.39 3.07 1.48
N LYS A 67 1.97 1.87 1.39
CA LYS A 67 3.15 1.69 0.54
C LYS A 67 2.88 1.95 -0.94
N THR A 68 1.61 1.81 -1.39
CA THR A 68 1.30 2.12 -2.78
C THR A 68 1.44 3.62 -3.06
N PHE A 69 1.06 4.45 -2.06
CA PHE A 69 1.25 5.88 -2.19
C PHE A 69 2.73 6.21 -2.20
N THR A 70 3.51 5.55 -1.33
CA THR A 70 4.95 5.74 -1.36
C THR A 70 5.59 5.41 -2.69
N GLY A 71 5.15 4.30 -3.27
CA GLY A 71 5.65 3.84 -4.54
C GLY A 71 5.39 4.81 -5.67
N VAL A 72 4.14 5.30 -5.72
CA VAL A 72 3.78 6.31 -6.72
C VAL A 72 4.51 7.62 -6.52
N LEU A 73 4.64 8.06 -5.27
CA LEU A 73 5.42 9.26 -4.97
C LEU A 73 6.88 9.13 -5.42
N GLY A 74 7.46 7.98 -5.15
CA GLY A 74 8.81 7.70 -5.63
C GLY A 74 8.85 7.65 -7.15
N GLY A 75 7.86 7.03 -7.77
CA GLY A 75 7.82 7.08 -9.25
C GLY A 75 7.76 8.49 -9.80
N ASP A 76 6.96 9.33 -9.15
CA ASP A 76 6.85 10.72 -9.58
C ASP A 76 8.21 11.42 -9.50
N ALA A 77 8.96 11.14 -8.42
CA ALA A 77 10.27 11.75 -8.25
C ALA A 77 11.24 11.28 -9.32
N ILE A 78 11.12 10.00 -9.71
CA ILE A 78 11.93 9.50 -10.81
C ILE A 78 11.58 10.25 -12.10
N ALA A 79 10.28 10.38 -12.36
CA ALA A 79 9.85 11.05 -13.57
C ALA A 79 10.21 12.52 -13.58
N ARG A 80 10.40 13.17 -12.45
CA ARG A 80 10.88 14.53 -12.39
C ARG A 80 12.39 14.64 -12.58
N GLY A 81 13.14 13.54 -12.48
CA GLY A 81 14.57 13.53 -12.52
C GLY A 81 15.23 13.77 -11.20
N GLU A 82 14.48 13.71 -10.11
CA GLU A 82 15.07 13.92 -8.80
C GLU A 82 15.83 12.74 -8.24
N ILE A 83 15.41 11.55 -8.60
CA ILE A 83 16.08 10.33 -8.20
C ILE A 83 16.07 9.36 -9.38
N SER A 84 16.91 8.33 -9.25
CA SER A 84 16.91 7.21 -10.18
C SER A 84 16.96 5.93 -9.35
N LEU A 85 16.20 4.92 -9.75
CA LEU A 85 16.24 3.67 -9.01
C LEU A 85 17.61 3.02 -9.04
N ASP A 86 18.40 3.33 -10.06
CA ASP A 86 19.72 2.73 -10.19
C ASP A 86 20.79 3.49 -9.42
N ASP A 87 20.47 4.61 -8.80
CA ASP A 87 21.44 5.31 -7.95
C ASP A 87 21.68 4.52 -6.67
N PRO A 88 22.88 4.66 -6.11
CA PRO A 88 23.14 4.07 -4.80
C PRO A 88 22.37 4.82 -3.72
N VAL A 89 21.94 4.03 -2.71
CA VAL A 89 21.31 4.63 -1.56
C VAL A 89 22.16 5.79 -1.02
N THR A 90 23.47 5.58 -0.99
CA THR A 90 24.36 6.58 -0.41
C THR A 90 24.33 7.90 -1.14
N ARG A 91 23.88 7.91 -2.40
CA ARG A 91 23.78 9.23 -3.05
C ARG A 91 22.85 10.21 -2.32
N TYR A 92 21.85 9.66 -1.64
CA TYR A 92 20.79 10.44 -1.00
C TYR A 92 20.98 10.50 0.51
N TRP A 93 21.99 9.80 1.03
CA TRP A 93 22.34 9.78 2.45
C TRP A 93 23.85 9.60 2.61
N PRO A 94 24.63 10.62 2.33
CA PRO A 94 26.08 10.50 2.33
C PRO A 94 26.64 10.11 3.69
N GLN A 95 25.92 10.38 4.78
CA GLN A 95 26.37 10.00 6.12
C GLN A 95 26.33 8.49 6.39
N LEU A 96 25.65 7.78 5.52
CA LEU A 96 25.59 6.30 5.59
C LEU A 96 26.86 5.72 4.97
N THR A 97 27.92 5.69 5.76
CA THR A 97 29.24 5.37 5.24
C THR A 97 29.62 3.91 5.30
N GLY A 98 28.86 3.04 5.93
CA GLY A 98 29.25 1.66 6.04
C GLY A 98 29.33 0.99 4.69
N LYS A 99 30.42 0.23 4.56
CA LYS A 99 30.69 -0.32 3.23
C LYS A 99 29.77 -1.45 2.80
N GLN A 100 29.01 -1.98 3.71
CA GLN A 100 28.00 -2.98 3.35
C GLN A 100 26.95 -2.36 2.44
N TRP A 101 26.84 -1.04 2.35
CA TRP A 101 25.86 -0.40 1.50
C TRP A 101 26.31 -0.27 0.06
N GLN A 102 27.60 -0.53 -0.22
CA GLN A 102 28.01 -0.40 -1.63
C GLN A 102 27.26 -1.44 -2.44
N GLY A 103 26.76 -1.05 -3.60
CA GLY A 103 26.02 -1.96 -4.46
C GLY A 103 24.55 -2.04 -4.11
N ILE A 104 24.10 -1.36 -3.06
CA ILE A 104 22.66 -1.33 -2.76
C ILE A 104 22.07 -0.09 -3.41
N ARG A 105 21.09 -0.34 -4.28
CA ARG A 105 20.44 0.71 -5.04
C ARG A 105 19.15 1.18 -4.37
N MET A 106 18.72 2.38 -4.77
CA MET A 106 17.38 2.83 -4.36
C MET A 106 16.33 1.78 -4.73
N LEU A 107 16.49 1.14 -5.89
CA LEU A 107 15.53 0.09 -6.25
C LEU A 107 15.45 -1.00 -5.20
N ASP A 108 16.60 -1.42 -4.66
CA ASP A 108 16.60 -2.49 -3.65
C ASP A 108 15.83 -2.07 -2.40
N LEU A 109 16.00 -0.83 -1.96
CA LEU A 109 15.18 -0.37 -0.82
C LEU A 109 13.70 -0.42 -1.14
N ALA A 110 13.33 0.08 -2.33
CA ALA A 110 11.96 0.21 -2.68
C ALA A 110 11.28 -1.15 -2.84
N THR A 111 12.00 -2.22 -3.17
CA THR A 111 11.39 -3.50 -3.55
C THR A 111 11.86 -4.63 -2.67
N TYR A 112 12.43 -4.30 -1.51
CA TYR A 112 12.71 -5.24 -0.43
C TYR A 112 13.87 -6.20 -0.72
N THR A 113 14.78 -5.81 -1.62
CA THR A 113 15.86 -6.69 -2.05
C THR A 113 17.24 -6.24 -1.61
N ALA A 114 17.35 -5.40 -0.57
CA ALA A 114 18.66 -4.92 -0.14
C ALA A 114 19.55 -5.99 0.47
N GLY A 115 18.95 -7.05 0.94
CA GLY A 115 19.69 -8.21 1.44
C GLY A 115 19.39 -8.54 2.89
N GLY A 116 18.14 -8.36 3.30
CA GLY A 116 17.74 -8.75 4.63
C GLY A 116 17.39 -7.65 5.59
N LEU A 117 17.11 -6.42 5.14
CA LEU A 117 16.62 -5.40 6.04
C LEU A 117 15.35 -5.96 6.70
N PRO A 118 15.28 -5.81 8.00
CA PRO A 118 14.19 -6.49 8.68
C PRO A 118 12.83 -5.83 8.52
N LEU A 119 11.80 -6.62 8.87
CA LEU A 119 10.43 -6.18 8.77
C LEU A 119 10.19 -4.85 9.43
N GLN A 120 10.65 -4.70 10.66
CA GLN A 120 10.42 -3.53 11.47
C GLN A 120 11.69 -2.75 11.70
N VAL A 121 11.48 -1.44 11.75
CA VAL A 121 12.44 -0.55 12.40
C VAL A 121 12.21 -0.68 13.89
N PRO A 122 13.27 -0.96 14.62
CA PRO A 122 13.04 -1.20 16.06
C PRO A 122 12.68 0.07 16.82
N ASP A 123 11.97 -0.17 17.93
CA ASP A 123 11.53 0.96 18.76
C ASP A 123 12.66 1.79 19.36
N GLU A 124 13.88 1.29 19.50
CA GLU A 124 15.06 2.02 19.96
C GLU A 124 15.36 3.21 19.05
N VAL A 125 14.89 3.07 17.80
CA VAL A 125 15.08 4.14 16.84
C VAL A 125 14.06 5.25 17.07
N THR A 126 14.54 6.37 17.61
CA THR A 126 13.70 7.45 18.12
C THR A 126 13.96 8.81 17.48
N ASP A 127 14.94 8.87 16.59
CA ASP A 127 15.39 10.07 15.90
C ASP A 127 16.39 9.76 14.77
N ASN A 128 16.83 10.80 14.05
CA ASN A 128 17.64 10.55 12.88
C ASN A 128 18.99 9.97 13.26
N ALA A 129 19.57 10.41 14.37
CA ALA A 129 20.86 9.87 14.80
C ALA A 129 20.75 8.39 15.03
N SER A 130 19.66 7.97 15.67
CA SER A 130 19.50 6.56 15.98
C SER A 130 19.08 5.79 14.71
N LEU A 131 18.40 6.44 13.78
CA LEU A 131 18.05 5.76 12.51
C LEU A 131 19.33 5.48 11.75
N LEU A 132 20.24 6.43 11.74
CA LEU A 132 21.55 6.24 11.10
C LEU A 132 22.32 5.09 11.75
N ARG A 133 22.37 5.08 13.08
CA ARG A 133 23.08 4.01 13.77
C ARG A 133 22.49 2.66 13.40
N PHE A 134 21.18 2.55 13.30
CA PHE A 134 20.53 1.29 12.94
C PHE A 134 21.02 0.81 11.57
N TYR A 135 20.93 1.69 10.58
CA TYR A 135 21.31 1.29 9.23
C TYR A 135 22.82 1.07 9.08
N GLN A 136 23.60 1.85 9.83
CA GLN A 136 25.04 1.65 9.79
C GLN A 136 25.44 0.31 10.40
N ASN A 137 24.71 -0.14 11.41
CA ASN A 137 25.06 -1.36 12.14
C ASN A 137 24.57 -2.62 11.42
N TRP A 138 23.59 -2.44 10.52
CA TRP A 138 22.95 -3.54 9.84
C TRP A 138 23.95 -4.35 9.00
N GLN A 139 23.90 -5.67 9.20
CA GLN A 139 24.70 -6.62 8.47
C GLN A 139 23.83 -7.42 7.51
N PRO A 140 23.99 -7.27 6.20
CA PRO A 140 23.11 -7.99 5.29
C PRO A 140 23.34 -9.50 5.35
N GLN A 141 22.20 -10.23 5.36
CA GLN A 141 22.23 -11.69 5.34
C GLN A 141 22.47 -12.20 3.93
N TRP A 142 22.13 -11.40 2.93
CA TRP A 142 22.25 -11.75 1.52
C TRP A 142 22.87 -10.61 0.73
N LYS A 143 23.46 -10.99 -0.41
CA LYS A 143 23.88 -9.94 -1.32
C LYS A 143 22.69 -9.18 -1.88
N PRO A 144 22.88 -7.95 -2.39
CA PRO A 144 21.77 -7.21 -2.96
C PRO A 144 21.18 -7.93 -4.17
N GLY A 145 19.87 -7.79 -4.34
CA GLY A 145 19.25 -8.22 -5.59
C GLY A 145 19.14 -9.74 -5.71
N THR A 146 19.10 -10.39 -4.53
CA THR A 146 19.02 -11.84 -4.52
C THR A 146 17.83 -12.42 -3.73
N THR A 147 17.38 -11.73 -2.69
CA THR A 147 16.34 -12.20 -1.79
C THR A 147 15.39 -11.04 -1.51
N ARG A 148 14.10 -11.33 -1.62
CA ARG A 148 13.03 -10.42 -1.26
C ARG A 148 12.60 -10.75 0.17
N LEU A 149 12.61 -9.76 1.04
CA LEU A 149 12.10 -9.88 2.39
C LEU A 149 11.28 -8.61 2.67
N TYR A 150 9.98 -8.78 2.62
CA TYR A 150 9.05 -7.67 2.86
C TYR A 150 9.46 -6.95 4.14
N ALA A 151 9.57 -5.64 4.00
CA ALA A 151 10.14 -4.87 5.11
C ALA A 151 9.83 -3.39 5.14
N ASN A 152 9.26 -2.94 6.28
CA ASN A 152 9.04 -1.52 6.47
C ASN A 152 10.40 -0.82 6.55
N ALA A 153 11.43 -1.50 7.07
CA ALA A 153 12.70 -0.80 7.17
C ALA A 153 13.35 -0.58 5.81
N SER A 154 12.86 -1.27 4.79
CA SER A 154 13.38 -1.08 3.43
C SER A 154 12.63 -0.01 2.69
N ILE A 155 11.34 -0.22 2.46
CA ILE A 155 10.63 0.79 1.70
C ILE A 155 10.46 2.07 2.50
N GLY A 156 10.43 2.03 3.83
CA GLY A 156 10.30 3.27 4.57
C GLY A 156 11.49 4.16 4.31
N LEU A 157 12.68 3.59 4.25
CA LEU A 157 13.89 4.39 3.99
C LEU A 157 13.85 4.89 2.55
N PHE A 158 13.39 4.05 1.61
CA PHE A 158 13.22 4.54 0.25
C PHE A 158 12.35 5.79 0.19
N GLY A 159 11.21 5.77 0.91
CA GLY A 159 10.34 6.92 0.90
C GLY A 159 10.97 8.18 1.45
N ALA A 160 11.70 8.01 2.56
CA ALA A 160 12.36 9.15 3.16
C ALA A 160 13.42 9.74 2.22
N LEU A 161 14.18 8.87 1.58
CA LEU A 161 15.28 9.36 0.73
C LEU A 161 14.72 9.88 -0.58
N ALA A 162 13.63 9.29 -1.09
CA ALA A 162 13.10 9.69 -2.38
C ALA A 162 12.60 11.12 -2.41
N VAL A 163 12.16 11.59 -1.25
CA VAL A 163 11.62 12.97 -1.17
C VAL A 163 12.69 13.98 -0.85
N LYS A 164 13.88 13.49 -0.52
CA LYS A 164 14.90 14.47 -0.08
C LYS A 164 15.20 15.55 -1.12
N PRO A 165 15.43 15.20 -2.37
CA PRO A 165 15.75 16.26 -3.37
C PRO A 165 14.65 17.30 -3.47
N SER A 166 13.39 16.94 -3.19
CA SER A 166 12.32 17.92 -3.28
C SER A 166 12.39 19.01 -2.22
N GLY A 167 13.08 18.71 -1.12
CA GLY A 167 13.13 19.61 0.00
C GLY A 167 11.92 19.53 0.93
N MET A 168 10.94 18.69 0.63
CA MET A 168 9.77 18.58 1.48
C MET A 168 9.82 17.33 2.32
N PRO A 169 9.30 17.39 3.53
CA PRO A 169 9.11 16.14 4.27
C PRO A 169 8.10 15.24 3.57
N TYR A 170 8.09 13.97 3.88
CA TYR A 170 7.27 12.99 3.21
C TYR A 170 5.80 13.43 3.17
N GLU A 171 5.25 13.85 4.33
CA GLU A 171 3.80 14.13 4.36
C GLU A 171 3.43 15.25 3.38
N GLN A 172 4.25 16.31 3.40
CA GLN A 172 4.00 17.43 2.51
C GLN A 172 4.24 17.04 1.05
N ALA A 173 5.29 16.29 0.76
CA ALA A 173 5.53 15.85 -0.62
C ALA A 173 4.36 15.03 -1.15
N MET A 174 3.90 14.10 -0.32
CA MET A 174 2.81 13.22 -0.73
C MET A 174 1.53 13.97 -1.01
N THR A 175 1.21 14.91 -0.12
CA THR A 175 -0.02 15.68 -0.27
C THR A 175 0.01 16.56 -1.48
N THR A 176 1.17 17.21 -1.65
CA THR A 176 1.37 18.15 -2.74
C THR A 176 1.45 17.50 -4.15
N ARG A 177 2.15 16.37 -4.22
CA ARG A 177 2.41 15.75 -5.50
C ARG A 177 1.50 14.61 -5.90
N VAL A 178 0.84 14.03 -4.92
CA VAL A 178 0.00 12.88 -5.26
C VAL A 178 -1.45 13.14 -4.89
N LEU A 179 -1.66 13.49 -3.60
CA LEU A 179 -3.05 13.58 -3.16
C LEU A 179 -3.80 14.73 -3.81
N LYS A 180 -3.21 15.92 -3.70
CA LYS A 180 -3.95 17.09 -4.18
C LYS A 180 -4.23 17.03 -5.67
N PRO A 181 -3.26 16.69 -6.51
CA PRO A 181 -3.61 16.60 -7.94
C PRO A 181 -4.71 15.60 -8.26
N LEU A 182 -4.83 14.54 -7.47
CA LEU A 182 -5.84 13.52 -7.72
C LEU A 182 -7.14 13.81 -6.99
N LYS A 183 -7.21 14.96 -6.33
CA LYS A 183 -8.38 15.40 -5.60
C LYS A 183 -8.74 14.41 -4.48
N LEU A 184 -7.70 13.84 -3.88
CA LEU A 184 -7.92 12.99 -2.71
C LEU A 184 -7.85 13.90 -1.49
N ASP A 185 -8.92 14.63 -1.23
CA ASP A 185 -8.94 15.72 -0.26
C ASP A 185 -9.36 15.27 1.15
N HIS A 186 -9.61 13.97 1.29
CA HIS A 186 -9.94 13.38 2.60
C HIS A 186 -9.07 12.15 2.89
N THR A 187 -7.80 12.31 2.55
CA THR A 187 -6.74 11.32 2.73
C THR A 187 -5.60 11.96 3.54
N TRP A 188 -5.28 11.32 4.67
CA TRP A 188 -4.50 11.97 5.70
C TRP A 188 -3.44 11.05 6.27
N ILE A 189 -2.37 11.62 6.78
CA ILE A 189 -1.51 10.89 7.68
C ILE A 189 -2.02 11.18 9.09
N ASN A 190 -2.09 12.49 9.32
CA ASN A 190 -2.62 13.07 10.54
C ASN A 190 -4.04 13.55 10.29
N VAL A 191 -5.01 12.93 10.94
CA VAL A 191 -6.40 13.31 10.67
C VAL A 191 -6.60 14.66 11.33
N PRO A 192 -6.95 15.69 10.58
CA PRO A 192 -7.23 16.96 11.28
C PRO A 192 -8.38 16.88 12.27
N LYS A 193 -8.28 17.77 13.28
CA LYS A 193 -9.21 17.76 14.39
C LYS A 193 -10.62 17.90 13.83
N ALA A 194 -10.81 18.73 12.79
CA ALA A 194 -12.20 18.87 12.34
C ALA A 194 -12.68 17.60 11.64
N GLU A 195 -11.76 16.69 11.30
CA GLU A 195 -12.16 15.52 10.50
C GLU A 195 -12.42 14.33 11.40
N GLU A 196 -12.14 14.49 12.67
CA GLU A 196 -12.18 13.40 13.66
C GLU A 196 -13.52 12.71 13.71
N ALA A 197 -14.61 13.44 13.43
CA ALA A 197 -15.90 12.75 13.60
C ALA A 197 -16.08 11.61 12.59
N HIS A 198 -15.27 11.60 11.55
CA HIS A 198 -15.38 10.61 10.50
C HIS A 198 -14.50 9.40 10.73
N TYR A 199 -13.59 9.53 11.69
CA TYR A 199 -12.61 8.47 11.89
C TYR A 199 -13.23 7.30 12.64
N ALA A 200 -13.23 6.14 11.94
CA ALA A 200 -13.69 4.91 12.59
C ALA A 200 -12.79 4.53 13.77
N TRP A 201 -13.35 3.72 14.67
CA TRP A 201 -12.51 3.00 15.63
C TRP A 201 -12.15 1.66 15.00
N GLY A 202 -10.92 1.22 15.25
CA GLY A 202 -10.54 -0.14 14.92
C GLY A 202 -10.94 -1.05 16.08
N TYR A 203 -11.03 -2.37 15.83
CA TYR A 203 -11.37 -3.30 16.90
C TYR A 203 -10.39 -4.47 16.90
N ARG A 204 -9.85 -4.80 18.05
CA ARG A 204 -8.91 -5.90 18.21
C ARG A 204 -9.28 -6.69 19.47
N ASP A 205 -9.71 -7.92 19.30
CA ASP A 205 -10.19 -8.74 20.41
C ASP A 205 -11.24 -8.01 21.25
N GLY A 206 -12.17 -7.30 20.60
CA GLY A 206 -13.23 -6.63 21.28
C GLY A 206 -12.91 -5.27 21.82
N LYS A 207 -11.67 -4.81 21.76
CA LYS A 207 -11.25 -3.50 22.22
C LYS A 207 -11.14 -2.52 21.06
N ALA A 208 -11.67 -1.32 21.30
CA ALA A 208 -11.56 -0.24 20.33
C ALA A 208 -10.13 0.29 20.40
N VAL A 209 -9.51 0.35 19.23
CA VAL A 209 -8.12 0.80 19.10
C VAL A 209 -7.90 1.69 17.86
N ARG A 210 -6.91 2.57 17.91
CA ARG A 210 -6.50 3.34 16.72
C ARG A 210 -4.97 3.36 16.69
N ALA A 211 -4.43 3.68 15.53
CA ALA A 211 -3.01 3.75 15.30
C ALA A 211 -2.34 4.75 16.24
N VAL A 212 -1.16 4.35 16.69
CA VAL A 212 -0.24 5.21 17.38
C VAL A 212 0.72 5.80 16.34
N ARG A 213 1.57 6.66 16.88
CA ARG A 213 2.68 7.25 16.15
C ARG A 213 4.02 6.68 16.58
N VAL A 214 5.02 7.00 15.76
CA VAL A 214 6.34 6.55 16.14
C VAL A 214 7.10 7.80 16.53
N SER A 215 8.37 7.60 16.87
CA SER A 215 9.14 8.79 17.22
C SER A 215 9.37 9.66 15.99
N PRO A 216 9.40 10.96 16.22
CA PRO A 216 9.69 11.95 15.18
C PRO A 216 10.98 11.64 14.43
N GLY A 217 10.90 11.83 13.12
CA GLY A 217 12.00 11.56 12.23
C GLY A 217 11.59 11.27 10.80
N MET A 218 12.52 10.77 10.01
CA MET A 218 12.47 10.65 8.56
C MET A 218 11.31 9.74 8.13
N LEU A 219 10.85 8.93 9.09
N LEU A 219 9.98 6.75 9.77
CA LEU A 219 9.89 7.91 8.84
CA LEU A 219 9.67 6.06 8.53
C LEU A 219 8.59 8.11 9.57
C LEU A 219 8.29 5.40 8.51
N ASP A 220 8.45 9.21 10.29
N ASP A 220 7.46 5.71 9.51
CA ASP A 220 7.30 9.28 11.19
CA ASP A 220 6.16 5.09 9.69
C ASP A 220 5.98 9.24 10.43
C ASP A 220 5.10 5.59 8.73
N ALA A 221 5.88 10.16 9.47
N ALA A 221 5.00 6.89 8.44
CA ALA A 221 4.59 10.37 8.81
CA ALA A 221 3.97 7.37 7.51
C ALA A 221 4.19 9.11 8.07
C ALA A 221 4.01 6.60 6.17
N GLN A 222 5.21 8.49 7.46
N GLN A 222 5.21 6.31 5.71
CA GLN A 222 4.98 7.29 6.66
CA GLN A 222 5.65 5.87 4.41
C GLN A 222 4.58 6.09 7.50
C GLN A 222 5.50 4.35 4.23
N ALA A 223 5.20 5.89 8.66
N ALA A 223 5.38 3.68 5.39
CA ALA A 223 4.86 4.86 9.62
CA ALA A 223 5.20 2.24 5.44
C ALA A 223 3.46 5.08 10.17
C ALA A 223 3.79 1.79 5.81
N TYR A 224 3.04 6.35 10.35
N TYR A 224 3.13 2.58 6.68
CA TYR A 224 1.74 6.58 10.99
CA TYR A 224 1.83 2.18 7.19
C TYR A 224 0.62 6.19 10.02
C TYR A 224 0.91 3.25 7.77
N GLY A 225 1.04 6.16 8.77
N GLY A 225 1.12 4.54 7.53
CA GLY A 225 0.24 5.47 7.82
CA GLY A 225 0.34 5.63 8.09
C GLY A 225 -0.99 6.28 7.51
C GLY A 225 -0.75 6.36 7.39
N VAL A 226 -1.37 5.99 6.27
CA VAL A 226 -2.46 6.73 5.65
C VAL A 226 -3.80 6.31 6.16
N LYS A 227 -4.66 7.34 6.30
CA LYS A 227 -6.06 7.13 6.63
C LYS A 227 -6.90 7.78 5.54
N THR A 228 -7.96 7.11 5.12
CA THR A 228 -8.74 7.64 4.02
C THR A 228 -10.13 7.03 4.10
N ASN A 229 -11.04 7.57 3.28
CA ASN A 229 -12.39 7.03 3.17
C ASN A 229 -12.48 6.24 1.85
N VAL A 230 -13.61 5.57 1.68
CA VAL A 230 -13.77 4.66 0.55
C VAL A 230 -13.89 5.42 -0.77
N GLN A 231 -14.32 6.67 -0.72
CA GLN A 231 -14.41 7.45 -1.97
C GLN A 231 -13.02 7.81 -2.50
N ASP A 232 -12.21 8.37 -1.60
CA ASP A 232 -10.83 8.68 -2.01
C ASP A 232 -10.11 7.39 -2.45
N MET A 233 -10.35 6.31 -1.71
CA MET A 233 -9.65 5.10 -2.12
C MET A 233 -10.14 4.59 -3.46
N ALA A 234 -11.42 4.71 -3.72
CA ALA A 234 -11.90 4.35 -5.06
C ALA A 234 -11.22 5.16 -6.16
N ASN A 235 -11.12 6.47 -5.90
CA ASN A 235 -10.47 7.31 -6.89
C ASN A 235 -8.98 7.07 -7.00
N TRP A 236 -8.34 6.65 -5.90
CA TRP A 236 -6.97 6.18 -5.98
C TRP A 236 -6.86 4.95 -6.88
N VAL A 237 -7.74 3.97 -6.70
CA VAL A 237 -7.70 2.79 -7.55
C VAL A 237 -7.94 3.19 -9.00
N MET A 238 -8.90 4.09 -9.24
CA MET A 238 -9.18 4.46 -10.64
C MET A 238 -7.97 5.10 -11.31
N ALA A 239 -7.25 5.95 -10.58
CA ALA A 239 -6.05 6.59 -11.12
C ALA A 239 -4.95 5.60 -11.46
N ASN A 240 -4.82 4.59 -10.58
CA ASN A 240 -3.81 3.59 -10.82
C ASN A 240 -4.20 2.59 -11.89
N MET A 241 -5.49 2.34 -12.05
CA MET A 241 -6.03 1.48 -13.09
C MET A 241 -5.94 2.12 -14.49
N ALA A 242 -6.12 3.44 -14.53
CA ALA A 242 -6.22 4.21 -15.76
C ALA A 242 -5.40 5.50 -15.72
N PRO A 243 -4.07 5.38 -15.66
CA PRO A 243 -3.25 6.56 -15.53
C PRO A 243 -3.32 7.41 -16.80
N GLU A 244 -3.82 6.90 -17.92
CA GLU A 244 -3.95 7.67 -19.13
C GLU A 244 -4.83 8.89 -18.91
N ASN A 245 -5.69 8.84 -17.89
CA ASN A 245 -6.61 9.93 -17.55
C ASN A 245 -6.03 10.91 -16.54
N VAL A 246 -4.82 10.67 -16.06
CA VAL A 246 -4.12 11.56 -15.13
C VAL A 246 -3.36 12.58 -15.95
N ALA A 247 -3.61 13.86 -15.75
CA ALA A 247 -3.05 14.87 -16.64
C ALA A 247 -1.61 15.26 -16.35
N ASP A 248 -1.22 15.29 -15.06
CA ASP A 248 0.13 15.71 -14.69
C ASP A 248 1.11 14.68 -15.22
N ALA A 249 2.05 15.10 -16.04
CA ALA A 249 2.90 14.15 -16.75
C ALA A 249 3.80 13.35 -15.86
N SER A 250 4.36 13.94 -14.82
CA SER A 250 5.23 13.16 -13.97
C SER A 250 4.44 12.19 -13.11
N LEU A 251 3.24 12.59 -12.68
CA LEU A 251 2.45 11.70 -11.85
C LEU A 251 1.92 10.52 -12.66
N LYS A 252 1.50 10.78 -13.89
CA LYS A 252 1.13 9.69 -14.78
C LYS A 252 2.24 8.67 -14.95
N GLN A 253 3.46 9.18 -15.15
CA GLN A 253 4.60 8.31 -15.29
C GLN A 253 4.91 7.58 -13.99
N GLY A 254 4.76 8.27 -12.87
CA GLY A 254 5.04 7.64 -11.57
C GLY A 254 4.11 6.49 -11.29
N ILE A 255 2.85 6.66 -11.66
CA ILE A 255 1.88 5.55 -11.50
C ILE A 255 2.36 4.35 -12.30
N ALA A 256 2.81 4.59 -13.55
CA ALA A 256 3.29 3.48 -14.36
C ALA A 256 4.56 2.87 -13.79
N LEU A 257 5.41 3.70 -13.25
CA LEU A 257 6.63 3.13 -12.68
C LEU A 257 6.31 2.23 -11.50
N ALA A 258 5.28 2.56 -10.73
CA ALA A 258 4.93 1.77 -9.54
C ALA A 258 4.31 0.42 -9.87
N GLN A 259 3.71 0.29 -11.05
CA GLN A 259 3.14 -0.95 -11.56
C GLN A 259 4.06 -1.68 -12.54
N SER A 260 5.28 -1.16 -12.67
CA SER A 260 6.24 -1.92 -13.45
C SER A 260 6.78 -3.10 -12.64
N ARG A 261 7.22 -4.11 -13.40
CA ARG A 261 7.75 -5.33 -12.79
C ARG A 261 9.26 -5.25 -12.65
N TYR A 262 9.74 -5.31 -11.43
CA TYR A 262 11.17 -5.18 -11.12
C TYR A 262 11.82 -6.52 -10.80
N TRP A 263 11.04 -7.41 -10.21
CA TRP A 263 11.47 -8.71 -9.76
C TRP A 263 10.30 -9.68 -9.94
N ARG A 264 10.70 -10.90 -10.26
CA ARG A 264 9.79 -12.02 -10.20
C ARG A 264 10.10 -12.92 -8.99
N ILE A 265 9.06 -13.28 -8.24
CA ILE A 265 9.19 -14.14 -7.07
C ILE A 265 8.06 -15.15 -7.17
N GLY A 266 8.41 -16.35 -7.64
CA GLY A 266 7.37 -17.35 -7.91
C GLY A 266 6.34 -16.83 -8.88
N SER A 267 5.06 -16.79 -8.50
CA SER A 267 3.98 -16.39 -9.38
C SER A 267 3.66 -14.88 -9.30
N MET A 268 4.41 -14.15 -8.48
CA MET A 268 4.16 -12.72 -8.37
C MET A 268 5.37 -11.91 -8.84
N TYR A 269 5.06 -10.63 -9.05
CA TYR A 269 6.03 -9.65 -9.45
C TYR A 269 5.99 -8.44 -8.49
N GLN A 270 7.15 -7.92 -8.15
CA GLN A 270 7.21 -6.78 -7.25
C GLN A 270 7.28 -5.46 -8.03
N GLY A 271 6.35 -4.55 -7.74
CA GLY A 271 6.35 -3.17 -8.15
C GLY A 271 6.90 -2.25 -7.09
N LEU A 272 6.60 -0.96 -7.22
CA LEU A 272 6.92 -0.02 -6.11
C LEU A 272 5.65 0.05 -5.25
N GLY A 273 5.66 -0.66 -4.13
CA GLY A 273 4.45 -0.77 -3.30
C GLY A 273 3.48 -1.81 -3.83
N TRP A 274 2.95 -1.59 -5.02
CA TRP A 274 2.04 -2.53 -5.66
C TRP A 274 2.77 -3.86 -5.92
N GLU A 275 2.02 -4.93 -5.89
CA GLU A 275 2.40 -6.25 -6.32
C GLU A 275 1.48 -6.74 -7.43
N MET A 276 1.99 -7.61 -8.28
CA MET A 276 1.24 -8.01 -9.46
C MET A 276 1.39 -9.51 -9.73
N LEU A 277 0.34 -10.06 -10.30
CA LEU A 277 0.36 -11.40 -10.89
C LEU A 277 -0.20 -11.27 -12.31
N ASN A 278 0.27 -12.12 -13.23
CA ASN A 278 -0.33 -12.12 -14.56
C ASN A 278 -1.78 -12.56 -14.52
N TRP A 279 -2.63 -11.94 -15.32
CA TRP A 279 -4.04 -12.26 -15.42
C TRP A 279 -4.20 -13.00 -16.74
N PRO A 280 -4.94 -14.09 -16.81
CA PRO A 280 -5.72 -14.72 -15.74
C PRO A 280 -4.88 -15.41 -14.66
N VAL A 281 -5.41 -15.35 -13.46
CA VAL A 281 -4.86 -16.08 -12.34
C VAL A 281 -6.02 -16.70 -11.61
N GLU A 282 -5.76 -17.91 -11.13
CA GLU A 282 -6.73 -18.58 -10.26
C GLU A 282 -6.70 -18.08 -8.83
N ALA A 283 -7.84 -18.19 -8.17
CA ALA A 283 -8.00 -17.71 -6.80
C ALA A 283 -6.94 -18.36 -5.92
N ASN A 284 -6.73 -19.68 -6.02
CA ASN A 284 -5.83 -20.30 -5.02
C ASN A 284 -4.41 -19.77 -5.10
N THR A 285 -3.94 -19.44 -6.30
CA THR A 285 -2.63 -18.81 -6.39
C THR A 285 -2.49 -17.55 -5.57
N VAL A 286 -3.49 -16.67 -5.69
CA VAL A 286 -3.46 -15.38 -5.03
C VAL A 286 -3.69 -15.57 -3.54
N VAL A 287 -4.66 -16.42 -3.21
CA VAL A 287 -5.04 -16.62 -1.80
C VAL A 287 -3.86 -17.22 -1.04
N GLU A 288 -3.24 -18.26 -1.63
CA GLU A 288 -2.15 -18.94 -0.93
C GLU A 288 -0.94 -18.03 -0.77
N GLY A 289 -0.70 -17.13 -1.72
CA GLY A 289 0.42 -16.24 -1.60
C GLY A 289 0.24 -15.17 -0.53
N SER A 290 -1.00 -14.96 -0.12
CA SER A 290 -1.34 -13.96 0.84
C SER A 290 -1.12 -14.41 2.29
N ASP A 291 -0.96 -15.70 2.52
CA ASP A 291 -0.73 -16.18 3.87
C ASP A 291 0.58 -15.61 4.39
N SER A 292 0.60 -15.14 5.62
CA SER A 292 1.81 -14.49 6.12
C SER A 292 2.98 -15.45 6.13
N LYS A 293 2.84 -16.77 6.21
CA LYS A 293 4.00 -17.66 6.22
C LYS A 293 4.78 -17.55 4.92
N VAL A 294 4.08 -17.24 3.83
CA VAL A 294 4.66 -16.97 2.52
C VAL A 294 4.97 -15.49 2.34
N ALA A 295 4.02 -14.60 2.61
CA ALA A 295 4.21 -13.18 2.32
C ALA A 295 5.35 -12.54 3.08
N LEU A 296 5.67 -13.04 4.26
CA LEU A 296 6.78 -12.47 5.04
C LEU A 296 8.06 -13.28 4.94
N ALA A 297 8.09 -14.33 4.14
CA ALA A 297 9.29 -15.15 4.03
C ALA A 297 10.34 -14.52 3.13
N PRO A 298 11.62 -14.79 3.44
CA PRO A 298 12.70 -14.40 2.51
C PRO A 298 12.68 -15.40 1.36
N LEU A 299 12.50 -14.86 0.15
CA LEU A 299 12.44 -15.68 -1.05
C LEU A 299 13.35 -15.18 -2.17
N PRO A 300 13.89 -16.14 -2.94
CA PRO A 300 14.78 -15.72 -4.02
C PRO A 300 14.01 -14.99 -5.10
N VAL A 301 14.73 -14.05 -5.71
CA VAL A 301 14.18 -13.23 -6.78
C VAL A 301 14.88 -13.49 -8.11
N ALA A 302 14.13 -13.21 -9.17
CA ALA A 302 14.66 -13.13 -10.51
C ALA A 302 14.55 -11.66 -10.94
N GLU A 303 15.66 -11.03 -11.26
CA GLU A 303 15.62 -9.66 -11.79
C GLU A 303 14.90 -9.55 -13.13
N VAL A 304 14.08 -8.48 -13.25
CA VAL A 304 13.49 -8.06 -14.51
C VAL A 304 14.25 -6.81 -14.92
N ASN A 305 15.19 -7.05 -15.83
CA ASN A 305 16.13 -6.05 -16.28
C ASN A 305 16.13 -5.94 -17.79
N PRO A 306 15.74 -4.80 -18.37
CA PRO A 306 15.16 -3.66 -17.66
C PRO A 306 13.76 -3.95 -17.12
N PRO A 307 13.31 -3.13 -16.18
CA PRO A 307 11.96 -3.37 -15.61
C PRO A 307 10.92 -3.43 -16.72
N ALA A 308 9.96 -4.30 -16.51
CA ALA A 308 8.88 -4.42 -17.47
C ALA A 308 7.84 -3.33 -17.22
N PRO A 309 7.48 -2.51 -18.19
CA PRO A 309 6.40 -1.54 -17.95
C PRO A 309 5.09 -2.23 -17.64
N PRO A 310 4.11 -1.47 -17.19
CA PRO A 310 2.87 -2.11 -16.73
C PRO A 310 2.24 -3.01 -17.77
N VAL A 311 1.85 -4.18 -17.29
CA VAL A 311 1.18 -5.19 -18.10
C VAL A 311 -0.29 -5.07 -17.81
N LYS A 312 -1.08 -4.79 -18.86
CA LYS A 312 -2.51 -4.54 -18.61
C LYS A 312 -3.20 -5.79 -18.07
N ALA A 313 -2.83 -6.95 -18.56
CA ALA A 313 -3.35 -8.23 -18.10
C ALA A 313 -2.61 -8.66 -16.82
N SER A 314 -2.88 -7.93 -15.76
CA SER A 314 -2.36 -8.15 -14.43
C SER A 314 -3.47 -8.10 -13.38
N TRP A 315 -3.34 -8.88 -12.34
CA TRP A 315 -4.02 -8.68 -11.06
C TRP A 315 -3.06 -7.81 -10.24
N VAL A 316 -3.42 -6.54 -9.99
CA VAL A 316 -2.57 -5.61 -9.22
C VAL A 316 -3.18 -5.47 -7.84
N HIS A 317 -2.43 -5.63 -6.75
CA HIS A 317 -3.07 -5.61 -5.45
C HIS A 317 -2.12 -5.23 -4.33
N LYS A 318 -2.69 -5.01 -3.17
CA LYS A 318 -1.97 -4.80 -1.93
C LYS A 318 -2.91 -5.01 -0.74
N THR A 319 -2.43 -5.76 0.23
CA THR A 319 -3.08 -5.88 1.52
C THR A 319 -2.47 -4.91 2.52
N GLY A 320 -3.26 -4.49 3.51
CA GLY A 320 -2.66 -3.68 4.56
C GLY A 320 -3.49 -3.78 5.82
N SER A 321 -2.81 -3.79 6.95
CA SER A 321 -3.44 -3.92 8.27
C SER A 321 -2.81 -2.99 9.28
N THR A 322 -3.58 -2.62 10.28
CA THR A 322 -3.06 -2.03 11.50
C THR A 322 -3.61 -2.85 12.67
N GLY A 323 -3.39 -2.40 13.90
CA GLY A 323 -3.89 -3.18 15.05
C GLY A 323 -5.37 -3.37 14.96
N GLY A 324 -6.10 -2.35 14.54
CA GLY A 324 -7.54 -2.41 14.44
C GLY A 324 -8.20 -2.47 13.09
N PHE A 325 -7.45 -2.51 12.00
CA PHE A 325 -8.01 -2.39 10.67
C PHE A 325 -7.42 -3.41 9.71
N GLY A 326 -8.26 -3.79 8.75
CA GLY A 326 -7.83 -4.71 7.70
C GLY A 326 -8.40 -4.26 6.37
N SER A 327 -7.54 -4.03 5.40
CA SER A 327 -7.94 -3.48 4.10
C SER A 327 -7.28 -4.27 2.97
N TYR A 328 -7.90 -4.15 1.79
CA TYR A 328 -7.37 -4.83 0.62
C TYR A 328 -7.82 -4.06 -0.62
N VAL A 329 -6.96 -3.97 -1.60
CA VAL A 329 -7.29 -3.39 -2.90
C VAL A 329 -6.75 -4.28 -3.99
N ALA A 330 -7.51 -4.46 -5.07
CA ALA A 330 -7.10 -5.25 -6.21
C ALA A 330 -7.76 -4.67 -7.46
N PHE A 331 -7.06 -4.68 -8.58
CA PHE A 331 -7.66 -4.26 -9.84
C PHE A 331 -6.96 -4.97 -11.00
N ILE A 332 -7.69 -4.97 -12.12
CA ILE A 332 -7.26 -5.67 -13.32
C ILE A 332 -7.40 -4.69 -14.48
N PRO A 333 -6.32 -4.02 -14.84
CA PRO A 333 -6.41 -2.95 -15.86
C PRO A 333 -7.02 -3.44 -17.18
N GLU A 334 -6.70 -4.64 -17.64
CA GLU A 334 -7.25 -5.10 -18.93
C GLU A 334 -8.78 -5.05 -18.96
N LYS A 335 -9.37 -5.34 -17.82
CA LYS A 335 -10.82 -5.44 -17.67
C LYS A 335 -11.44 -4.16 -17.12
N GLN A 336 -10.67 -3.20 -16.67
CA GLN A 336 -11.11 -1.97 -16.03
C GLN A 336 -12.13 -2.26 -14.93
N ILE A 337 -11.74 -3.23 -14.08
CA ILE A 337 -12.46 -3.48 -12.85
C ILE A 337 -11.48 -3.51 -11.68
N GLY A 338 -12.05 -3.17 -10.52
CA GLY A 338 -11.24 -3.13 -9.29
C GLY A 338 -12.14 -3.15 -8.09
N ILE A 339 -11.52 -3.37 -6.94
CA ILE A 339 -12.24 -3.35 -5.68
C ILE A 339 -11.40 -2.79 -4.54
N VAL A 340 -12.06 -2.12 -3.61
CA VAL A 340 -11.50 -1.67 -2.36
C VAL A 340 -12.37 -2.23 -1.25
N MET A 341 -11.75 -2.87 -0.27
CA MET A 341 -12.45 -3.36 0.91
C MET A 341 -11.77 -2.80 2.17
N LEU A 342 -12.40 -1.88 2.89
CA LEU A 342 -11.89 -1.27 4.10
C LEU A 342 -12.69 -1.83 5.28
N ALA A 343 -12.01 -2.30 6.29
CA ALA A 343 -12.68 -2.85 7.48
C ALA A 343 -12.00 -2.40 8.76
N ASN A 344 -12.80 -2.33 9.83
CA ASN A 344 -12.24 -1.95 11.12
C ASN A 344 -12.08 -3.14 12.07
N THR A 345 -11.60 -4.23 11.48
CA THR A 345 -10.91 -5.27 12.18
C THR A 345 -9.90 -5.90 11.22
N SER A 346 -8.76 -6.33 11.76
CA SER A 346 -7.76 -7.00 10.94
C SER A 346 -8.05 -8.49 10.91
N TYR A 347 -8.70 -8.96 9.87
CA TYR A 347 -9.08 -10.36 9.69
C TYR A 347 -8.12 -10.97 8.65
N PRO A 348 -8.03 -12.30 8.59
CA PRO A 348 -6.98 -12.91 7.76
C PRO A 348 -6.93 -12.50 6.31
N ASN A 349 -5.72 -12.24 5.86
CA ASN A 349 -5.50 -11.79 4.47
C ASN A 349 -6.11 -12.80 3.52
N PRO A 350 -5.96 -14.10 3.65
CA PRO A 350 -6.58 -15.00 2.66
C PRO A 350 -8.07 -14.80 2.50
N ALA A 351 -8.72 -14.44 3.59
CA ALA A 351 -10.16 -14.22 3.51
C ALA A 351 -10.49 -12.97 2.72
N ARG A 352 -9.64 -11.95 2.84
CA ARG A 352 -9.83 -10.73 2.04
C ARG A 352 -9.70 -11.00 0.56
N VAL A 353 -8.67 -11.75 0.22
CA VAL A 353 -8.39 -12.04 -1.19
C VAL A 353 -9.51 -12.89 -1.77
N GLU A 354 -9.97 -13.91 -1.04
CA GLU A 354 -11.01 -14.77 -1.52
C GLU A 354 -12.27 -13.97 -1.83
N ALA A 355 -12.64 -13.06 -0.93
CA ALA A 355 -13.86 -12.29 -1.19
C ALA A 355 -13.69 -11.32 -2.35
N ALA A 356 -12.57 -10.60 -2.40
CA ALA A 356 -12.29 -9.71 -3.52
C ALA A 356 -12.30 -10.44 -4.85
N TYR A 357 -11.66 -11.63 -4.90
CA TYR A 357 -11.59 -12.41 -6.10
C TYR A 357 -13.01 -12.83 -6.55
N HIS A 358 -13.78 -13.30 -5.58
CA HIS A 358 -15.14 -13.74 -5.92
C HIS A 358 -15.96 -12.63 -6.54
N ILE A 359 -15.89 -11.43 -5.94
CA ILE A 359 -16.61 -10.29 -6.50
C ILE A 359 -16.09 -9.93 -7.88
N LEU A 360 -14.77 -9.79 -8.03
CA LEU A 360 -14.30 -9.41 -9.37
C LEU A 360 -14.58 -10.49 -10.40
N GLU A 361 -14.57 -11.77 -9.98
CA GLU A 361 -14.86 -12.85 -10.91
C GLU A 361 -16.25 -12.71 -11.49
N ALA A 362 -17.16 -12.19 -10.68
CA ALA A 362 -18.52 -12.03 -11.18
C ALA A 362 -18.56 -11.07 -12.35
N LEU A 363 -17.62 -10.13 -12.38
CA LEU A 363 -17.65 -9.12 -13.41
C LEU A 363 -16.78 -9.43 -14.60
N GLN A 364 -16.20 -10.61 -14.79
CA GLN A 364 -15.38 -10.52 -16.04
C GLN A 364 -16.22 -11.12 -17.17
S1 WY4 B . 2.50 -7.02 8.27
C2 WY4 B . 3.54 -6.50 9.63
C3 WY4 B . 4.27 -5.38 9.53
N4 WY4 B . 4.24 -4.62 8.34
C5 WY4 B . 3.23 -3.94 7.69
C6 WY4 B . 1.98 -4.44 7.51
C7 WY4 B . 1.20 -3.85 6.47
O8 WY4 B . -0.02 -3.93 6.37
C31 WY4 B . 5.17 -4.96 10.55
O32 WY4 B . 5.95 -4.02 10.35
O33 WY4 B . 5.16 -5.63 11.70
C61 WY4 B . 1.38 -5.61 8.20
C62 WY4 B . 0.80 -5.32 9.59
N63 WY4 B . -0.15 -6.02 10.22
C64 WY4 B . -0.39 -5.43 11.37
N65 WY4 B . 0.43 -4.35 11.51
C66 WY4 B . 1.20 -4.28 10.39
C67 WY4 B . -1.39 -5.80 12.42
O68 WY4 B . -1.55 -4.67 13.30
C69 WY4 B . -0.30 -4.17 13.83
C70 WY4 B . 0.42 -3.42 12.67
C1 GOL C . -6.84 14.33 -11.68
O1 GOL C . -6.88 12.88 -11.76
C2 GOL C . -5.72 14.93 -12.56
O2 GOL C . -5.72 14.55 -13.94
C3 GOL C . -4.30 14.85 -11.93
O3 GOL C . -3.23 15.26 -12.84
C1 GOL D . 9.57 -20.16 2.56
O1 GOL D . 10.28 -20.01 3.82
C2 GOL D . 8.11 -19.67 2.73
O2 GOL D . 7.32 -20.38 3.71
C3 GOL D . 7.36 -19.63 1.35
O3 GOL D . 7.90 -20.65 0.44
C1 GOL E . -1.82 -13.32 5.87
O1 GOL E . -0.53 -12.72 5.94
C2 GOL E . -2.34 -14.11 7.08
O2 GOL E . -2.62 -15.51 6.73
C3 GOL E . -3.65 -13.45 7.66
O3 GOL E . -3.59 -12.00 7.73
C1 GOL F . -0.52 1.62 14.99
O1 GOL F . 0.33 1.92 16.13
C2 GOL F . -1.07 0.17 15.12
O2 GOL F . -0.87 -0.50 13.85
C3 GOL F . -2.59 0.14 15.44
O3 GOL F . -2.96 -0.15 16.82
#